data_9FB3
#
_entry.id   9FB3
#
_cell.length_a   47.028
_cell.length_b   68.070
_cell.length_c   49.424
_cell.angle_alpha   90.000
_cell.angle_beta   93.621
_cell.angle_gamma   90.000
#
_symmetry.space_group_name_H-M   'P 1 21 1'
#
loop_
_entity.id
_entity.type
_entity.pdbx_description
1 polymer 'aldose reductase'
2 non-polymer 'ethyl 3-ethanoylbicyclo[1.1.1]pentane-1-carboxylate'
3 non-polymer 'NADP NICOTINAMIDE-ADENINE-DINUCLEOTIDE PHOSPHATE'
4 non-polymer 1-(2-METHOXY-ETHOXY)-2-{2-[2-(2-METHOXY-ETHOXY]-ETHOXY}-ETHANE
5 non-polymer 'DIMETHYL SULFOXIDE'
6 water water
#
_entity_poly.entity_id   1
_entity_poly.type   'polypeptide(L)'
_entity_poly.pdbx_seq_one_letter_code
;MASRILLNNGAKMPILGLGTWKSPPGQVTEAVKVAIDVGYRHIDCAHVYQNENEVGVAIQEKLREQVVKREELFIVSKLW
CTYHEKGLVKGACQKTLSDLKLDYLDLYLIHWPTGFKPGKEFFPLDESGNVVPSDTNILDTWAAMEELVDEGLVKAIGIS
NFNHLQVEMILNKPGLKYKPAVNQIECHPYLTQEKLIQYCQSKGIVVTAYSPLGSPDRPWAKPEDPSLLEDPRIKAIAAK
HNKTTAQVLIRFPMQRNLVVIPKSVTPERIAENFKVFDFELSSQDMTTLLSYNRNWRVCALLSCTSHKDYPFHEEF
;
_entity_poly.pdbx_strand_id   A
#
# COMPACT_ATOMS: atom_id res chain seq x y z
N ALA A 2 -18.67 7.39 1.38
CA ALA A 2 -18.33 5.94 1.33
C ALA A 2 -16.91 5.72 1.86
N SER A 3 -16.77 4.83 2.84
CA SER A 3 -15.47 4.60 3.46
C SER A 3 -14.78 3.34 2.94
N ARG A 4 -15.41 2.59 2.03
CA ARG A 4 -14.83 1.40 1.44
C ARG A 4 -15.05 1.43 -0.06
N ILE A 5 -14.22 0.69 -0.79
N ILE A 5 -14.17 0.75 -0.79
CA ILE A 5 -14.29 0.58 -2.24
CA ILE A 5 -14.30 0.56 -2.24
C ILE A 5 -14.43 -0.89 -2.61
C ILE A 5 -14.52 -0.91 -2.51
N LEU A 6 -15.38 -1.21 -3.47
CA LEU A 6 -15.64 -2.58 -3.86
C LEU A 6 -14.54 -3.07 -4.81
N LEU A 7 -13.92 -4.20 -4.45
CA LEU A 7 -12.93 -4.84 -5.29
C LEU A 7 -13.58 -5.84 -6.23
N ASN A 8 -12.82 -6.25 -7.23
CA ASN A 8 -13.30 -7.18 -8.24
C ASN A 8 -13.44 -8.62 -7.71
N ASN A 9 -13.12 -8.90 -6.45
CA ASN A 9 -13.46 -10.17 -5.83
C ASN A 9 -14.74 -10.09 -5.00
N GLY A 10 -15.39 -8.93 -4.97
CA GLY A 10 -16.60 -8.75 -4.19
C GLY A 10 -16.41 -8.27 -2.77
N ALA A 11 -15.17 -8.13 -2.31
CA ALA A 11 -14.91 -7.65 -0.96
C ALA A 11 -14.83 -6.12 -0.99
N LYS A 12 -15.07 -5.50 0.16
CA LYS A 12 -15.01 -4.05 0.33
C LYS A 12 -13.73 -3.70 1.10
N MET A 13 -12.91 -2.86 0.48
CA MET A 13 -11.61 -2.48 1.03
C MET A 13 -11.70 -1.09 1.64
N PRO A 14 -11.34 -0.91 2.92
CA PRO A 14 -11.37 0.44 3.49
C PRO A 14 -10.41 1.38 2.77
N ILE A 15 -10.92 2.57 2.43
CA ILE A 15 -10.16 3.51 1.62
C ILE A 15 -9.00 4.15 2.39
N LEU A 16 -9.04 4.13 3.71
CA LEU A 16 -7.93 4.57 4.55
C LEU A 16 -7.31 3.35 5.23
N GLY A 17 -6.00 3.23 5.14
CA GLY A 17 -5.27 2.24 5.89
C GLY A 17 -4.06 2.83 6.58
N LEU A 18 -3.52 2.07 7.53
CA LEU A 18 -2.31 2.44 8.26
C LEU A 18 -1.08 1.80 7.61
N GLY A 19 -0.13 2.63 7.17
CA GLY A 19 1.13 2.12 6.68
C GLY A 19 2.05 1.74 7.83
N THR A 20 2.96 0.76 7.57
CA THR A 20 3.86 0.26 8.60
C THR A 20 5.32 0.15 8.18
N TRP A 21 5.70 0.63 6.99
CA TRP A 21 7.10 0.67 6.62
C TRP A 21 7.81 1.73 7.45
N LYS A 22 8.91 1.34 8.11
CA LYS A 22 9.74 2.19 8.97
C LYS A 22 9.15 2.31 10.37
N SER A 23 8.09 1.58 10.69
CA SER A 23 7.56 1.61 12.04
C SER A 23 8.35 0.61 12.89
N PRO A 24 9.09 1.07 13.90
CA PRO A 24 9.97 0.17 14.63
C PRO A 24 9.17 -0.92 15.32
N PRO A 25 9.75 -2.12 15.46
CA PRO A 25 9.03 -3.18 16.17
C PRO A 25 8.52 -2.76 17.53
N GLY A 26 9.30 -1.97 18.27
CA GLY A 26 8.91 -1.55 19.59
C GLY A 26 7.85 -0.48 19.66
N GLN A 27 7.45 0.09 18.51
CA GLN A 27 6.43 1.12 18.44
C GLN A 27 5.23 0.76 17.59
N VAL A 28 5.34 -0.24 16.72
CA VAL A 28 4.27 -0.51 15.79
C VAL A 28 3.07 -1.18 16.47
N THR A 29 3.29 -1.93 17.55
CA THR A 29 2.15 -2.53 18.24
C THR A 29 1.22 -1.43 18.76
N GLU A 30 1.79 -0.44 19.46
CA GLU A 30 0.96 0.67 19.94
C GLU A 30 0.30 1.41 18.78
N ALA A 31 1.02 1.60 17.68
CA ALA A 31 0.48 2.33 16.54
C ALA A 31 -0.77 1.64 15.99
N VAL A 32 -0.70 0.32 15.81
CA VAL A 32 -1.83 -0.43 15.28
C VAL A 32 -2.99 -0.46 16.26
N LYS A 33 -2.70 -0.60 17.55
CA LYS A 33 -3.74 -0.53 18.57
C LYS A 33 -4.48 0.79 18.52
N VAL A 34 -3.73 1.90 18.47
CA VAL A 34 -4.37 3.21 18.43
C VAL A 34 -5.15 3.37 17.15
N ALA A 35 -4.57 2.97 16.01
CA ALA A 35 -5.28 3.05 14.74
C ALA A 35 -6.61 2.33 14.79
N ILE A 36 -6.62 1.09 15.30
CA ILE A 36 -7.90 0.37 15.37
C ILE A 36 -8.88 1.09 16.28
N ASP A 37 -8.40 1.63 17.40
CA ASP A 37 -9.30 2.33 18.30
C ASP A 37 -9.95 3.52 17.62
N VAL A 38 -9.16 4.27 16.83
CA VAL A 38 -9.70 5.49 16.25
C VAL A 38 -10.59 5.22 15.05
N GLY A 39 -10.53 4.03 14.47
CA GLY A 39 -11.42 3.66 13.39
C GLY A 39 -10.78 3.01 12.17
N TYR A 40 -9.46 2.92 12.13
CA TYR A 40 -8.84 2.25 11.00
C TYR A 40 -9.23 0.78 11.00
N ARG A 41 -9.50 0.26 9.81
CA ARG A 41 -9.86 -1.13 9.65
C ARG A 41 -9.02 -1.81 8.58
N HIS A 42 -7.92 -1.18 8.16
CA HIS A 42 -7.06 -1.64 7.08
C HIS A 42 -5.63 -1.34 7.53
N ILE A 43 -4.79 -2.37 7.56
CA ILE A 43 -3.37 -2.23 7.90
C ILE A 43 -2.55 -2.75 6.71
N ASP A 44 -1.59 -1.94 6.26
CA ASP A 44 -0.70 -2.32 5.16
C ASP A 44 0.62 -2.82 5.76
N CYS A 45 0.95 -4.07 5.46
CA CYS A 45 2.08 -4.79 6.04
C CYS A 45 2.99 -5.32 4.93
N ALA A 46 4.17 -5.79 5.34
CA ALA A 46 5.04 -6.51 4.43
C ALA A 46 6.06 -7.28 5.23
N HIS A 47 6.45 -8.45 4.71
CA HIS A 47 7.50 -9.21 5.35
C HIS A 47 8.79 -8.40 5.47
N VAL A 48 9.15 -7.64 4.44
CA VAL A 48 10.40 -6.89 4.43
C VAL A 48 10.39 -5.74 5.43
N TYR A 49 9.23 -5.37 5.97
CA TYR A 49 9.19 -4.30 6.97
C TYR A 49 9.72 -4.76 8.33
N GLN A 50 9.90 -6.07 8.52
CA GLN A 50 10.60 -6.62 9.68
C GLN A 50 9.84 -6.39 10.98
N ASN A 51 8.53 -6.21 10.89
CA ASN A 51 7.72 -5.90 12.07
C ASN A 51 6.36 -6.59 12.05
N GLU A 52 6.16 -7.62 11.20
CA GLU A 52 4.85 -8.25 11.15
C GLU A 52 4.48 -8.92 12.46
N ASN A 53 5.44 -9.48 13.19
CA ASN A 53 5.08 -10.08 14.46
C ASN A 53 4.41 -9.05 15.38
N GLU A 54 4.97 -7.85 15.44
CA GLU A 54 4.46 -6.85 16.35
C GLU A 54 3.14 -6.24 15.86
N VAL A 55 2.92 -6.17 14.55
CA VAL A 55 1.58 -5.85 14.02
C VAL A 55 0.58 -6.90 14.48
N GLY A 56 0.97 -8.18 14.38
CA GLY A 56 0.08 -9.26 14.75
C GLY A 56 -0.29 -9.23 16.22
N VAL A 57 0.67 -8.85 17.08
CA VAL A 57 0.35 -8.73 18.50
C VAL A 57 -0.76 -7.71 18.72
N ALA A 58 -0.70 -6.58 18.02
CA ALA A 58 -1.73 -5.56 18.17
C ALA A 58 -3.09 -6.08 17.72
N ILE A 59 -3.13 -6.73 16.56
CA ILE A 59 -4.39 -7.25 16.04
C ILE A 59 -4.98 -8.25 17.04
N GLN A 60 -4.14 -9.17 17.54
CA GLN A 60 -4.65 -10.17 18.47
C GLN A 60 -5.19 -9.50 19.73
N GLU A 61 -4.50 -8.49 20.25
CA GLU A 61 -4.99 -7.81 21.44
C GLU A 61 -6.35 -7.16 21.19
N LYS A 62 -6.55 -6.54 20.03
CA LYS A 62 -7.83 -5.87 19.79
C LYS A 62 -8.95 -6.86 19.52
N LEU A 63 -8.63 -8.03 18.98
CA LEU A 63 -9.61 -9.11 18.87
C LEU A 63 -10.00 -9.59 20.27
N ARG A 64 -9.01 -9.82 21.13
CA ARG A 64 -9.26 -10.30 22.49
C ARG A 64 -10.07 -9.29 23.29
N GLU A 65 -9.82 -7.99 23.09
CA GLU A 65 -10.55 -6.94 23.80
C GLU A 65 -11.98 -6.77 23.27
N GLN A 66 -12.32 -7.40 22.14
CA GLN A 66 -13.64 -7.26 21.54
C GLN A 66 -13.85 -5.85 20.99
N VAL A 67 -12.77 -5.23 20.52
CA VAL A 67 -12.88 -3.94 19.85
C VAL A 67 -13.32 -4.14 18.42
N VAL A 68 -12.83 -5.21 17.79
CA VAL A 68 -13.14 -5.56 16.41
C VAL A 68 -13.20 -7.08 16.33
N LYS A 69 -13.86 -7.58 15.29
CA LYS A 69 -13.75 -8.99 14.90
C LYS A 69 -12.96 -9.08 13.59
N ARG A 70 -12.44 -10.27 13.32
CA ARG A 70 -11.53 -10.45 12.20
C ARG A 70 -12.14 -10.00 10.89
N GLU A 71 -13.42 -10.31 10.66
CA GLU A 71 -14.06 -10.01 9.39
C GLU A 71 -14.22 -8.52 9.14
N GLU A 72 -14.05 -7.69 10.18
CA GLU A 72 -14.10 -6.25 10.04
C GLU A 72 -12.76 -5.65 9.63
N LEU A 73 -11.69 -6.42 9.74
CA LEU A 73 -10.36 -5.94 9.41
C LEU A 73 -10.01 -6.33 7.99
N PHE A 74 -9.18 -5.50 7.35
CA PHE A 74 -8.67 -5.74 6.00
C PHE A 74 -7.15 -5.68 6.11
N ILE A 75 -6.52 -6.86 6.16
CA ILE A 75 -5.09 -6.98 6.37
C ILE A 75 -4.41 -7.31 5.04
N VAL A 76 -3.46 -6.46 4.67
CA VAL A 76 -2.69 -6.58 3.45
C VAL A 76 -1.25 -6.93 3.79
N SER A 77 -0.67 -7.88 3.07
CA SER A 77 0.77 -8.05 3.10
C SER A 77 1.27 -8.30 1.68
N LYS A 78 2.57 -8.56 1.56
CA LYS A 78 3.25 -8.57 0.28
C LYS A 78 4.29 -9.66 0.26
N LEU A 79 4.56 -10.14 -0.95
CA LEU A 79 5.53 -11.17 -1.25
C LEU A 79 6.82 -10.49 -1.64
N TRP A 80 7.90 -10.79 -0.92
CA TRP A 80 9.16 -10.13 -1.18
C TRP A 80 9.84 -10.70 -2.43
N CYS A 81 10.78 -9.91 -2.97
CA CYS A 81 11.39 -10.19 -4.27
C CYS A 81 12.17 -11.50 -4.30
N THR A 82 12.69 -11.95 -3.16
CA THR A 82 13.47 -13.18 -3.13
C THR A 82 12.61 -14.43 -3.10
N TYR A 83 11.28 -14.29 -3.17
CA TYR A 83 10.37 -15.42 -3.13
C TYR A 83 9.49 -15.51 -4.39
N HIS A 84 9.98 -15.02 -5.53
CA HIS A 84 9.15 -15.06 -6.73
C HIS A 84 9.09 -16.44 -7.37
N GLU A 85 10.00 -17.34 -7.02
CA GLU A 85 9.93 -18.70 -7.56
C GLU A 85 8.58 -19.30 -7.18
N LYS A 86 7.95 -19.98 -8.14
CA LYS A 86 6.62 -20.51 -7.91
C LYS A 86 6.58 -21.37 -6.66
N GLY A 87 7.63 -22.17 -6.43
CA GLY A 87 7.67 -23.06 -5.30
C GLY A 87 7.91 -22.39 -3.95
N LEU A 88 8.24 -21.09 -3.94
CA LEU A 88 8.49 -20.38 -2.69
C LEU A 88 7.34 -19.47 -2.25
N VAL A 89 6.37 -19.23 -3.11
CA VAL A 89 5.34 -18.24 -2.83
C VAL A 89 4.49 -18.67 -1.64
N LYS A 90 4.09 -19.95 -1.61
CA LYS A 90 3.19 -20.37 -0.55
C LYS A 90 3.88 -20.28 0.81
N GLY A 91 5.14 -20.73 0.88
CA GLY A 91 5.88 -20.65 2.12
C GLY A 91 6.06 -19.23 2.61
N ALA A 92 6.31 -18.29 1.70
CA ALA A 92 6.40 -16.89 2.09
C ALA A 92 5.07 -16.40 2.68
N CYS A 93 3.97 -16.77 2.05
CA CYS A 93 2.67 -16.37 2.55
C CYS A 93 2.40 -16.98 3.92
N GLN A 94 2.70 -18.27 4.08
CA GLN A 94 2.48 -18.91 5.37
C GLN A 94 3.34 -18.31 6.47
N LYS A 95 4.57 -17.90 6.15
CA LYS A 95 5.40 -17.23 7.16
C LYS A 95 4.80 -15.91 7.58
N THR A 96 4.31 -15.13 6.63
CA THR A 96 3.62 -13.88 6.96
C THR A 96 2.39 -14.14 7.81
N LEU A 97 1.59 -15.16 7.46
CA LEU A 97 0.41 -15.46 8.27
C LEU A 97 0.79 -15.88 9.68
N SER A 98 1.83 -16.69 9.81
CA SER A 98 2.31 -17.09 11.12
C SER A 98 2.75 -15.87 11.94
N ASP A 99 3.54 -14.98 11.33
CA ASP A 99 4.01 -13.81 12.04
C ASP A 99 2.85 -12.91 12.45
N LEU A 100 1.87 -12.73 11.57
CA LEU A 100 0.72 -11.88 11.88
C LEU A 100 -0.29 -12.57 12.79
N LYS A 101 -0.13 -13.87 13.06
CA LYS A 101 -1.07 -14.66 13.85
C LYS A 101 -2.47 -14.66 13.23
N LEU A 102 -2.51 -14.78 11.91
CA LEU A 102 -3.77 -14.81 11.18
C LEU A 102 -3.93 -16.11 10.41
N ASP A 103 -5.20 -16.45 10.14
CA ASP A 103 -5.55 -17.61 9.34
C ASP A 103 -5.63 -17.28 7.84
N TYR A 104 -5.83 -16.01 7.49
CA TYR A 104 -5.93 -15.60 6.09
C TYR A 104 -5.55 -14.13 6.01
N LEU A 105 -5.16 -13.72 4.80
CA LEU A 105 -5.00 -12.32 4.46
C LEU A 105 -6.18 -11.87 3.60
N ASP A 106 -6.53 -10.58 3.74
CA ASP A 106 -7.53 -10.01 2.82
C ASP A 106 -6.96 -9.72 1.46
N LEU A 107 -5.67 -9.41 1.38
CA LEU A 107 -5.02 -9.08 0.12
C LEU A 107 -3.55 -9.39 0.25
N TYR A 108 -2.98 -10.04 -0.76
CA TYR A 108 -1.56 -10.35 -0.82
C TYR A 108 -1.02 -9.86 -2.15
N LEU A 109 0.03 -9.01 -2.10
CA LEU A 109 0.53 -8.32 -3.28
C LEU A 109 1.92 -8.83 -3.64
N ILE A 110 2.20 -8.93 -4.93
CA ILE A 110 3.59 -9.02 -5.37
C ILE A 110 4.22 -7.66 -5.13
N HIS A 111 5.24 -7.61 -4.26
CA HIS A 111 5.73 -6.31 -3.75
C HIS A 111 6.37 -5.49 -4.87
N TRP A 112 7.13 -6.13 -5.75
CA TRP A 112 7.78 -5.49 -6.89
C TRP A 112 7.79 -6.48 -8.04
N PRO A 113 7.76 -6.01 -9.29
CA PRO A 113 7.78 -6.97 -10.42
C PRO A 113 9.08 -7.73 -10.55
N THR A 114 10.20 -7.22 -10.03
CA THR A 114 11.49 -7.85 -10.20
C THR A 114 11.71 -8.94 -9.15
N GLY A 115 12.11 -10.14 -9.61
CA GLY A 115 12.53 -11.20 -8.71
C GLY A 115 14.03 -11.09 -8.44
N PHE A 116 14.40 -11.33 -7.19
CA PHE A 116 15.79 -11.37 -6.73
C PHE A 116 16.18 -12.80 -6.42
N LYS A 117 17.49 -13.08 -6.55
CA LYS A 117 18.06 -14.37 -6.19
C LYS A 117 17.50 -14.85 -4.86
N PRO A 118 16.97 -16.08 -4.79
CA PRO A 118 16.48 -16.59 -3.50
C PRO A 118 17.63 -16.86 -2.53
N GLY A 119 17.34 -16.70 -1.25
CA GLY A 119 18.36 -16.92 -0.24
C GLY A 119 18.12 -16.07 1.00
N LYS A 120 19.18 -15.94 1.79
CA LYS A 120 19.11 -15.28 3.09
C LYS A 120 19.46 -13.79 3.05
N GLU A 121 19.41 -13.17 1.86
CA GLU A 121 19.62 -11.73 1.74
C GLU A 121 18.38 -11.10 1.13
N PHE A 122 17.81 -10.10 1.80
CA PHE A 122 16.69 -9.37 1.22
C PHE A 122 17.08 -8.71 -0.09
N PHE A 123 18.32 -8.19 -0.16
CA PHE A 123 18.81 -7.42 -1.30
C PHE A 123 20.17 -7.97 -1.69
N PRO A 124 20.21 -9.07 -2.42
CA PRO A 124 21.51 -9.58 -2.90
C PRO A 124 22.07 -8.66 -3.99
N LEU A 125 23.23 -8.07 -3.73
CA LEU A 125 23.87 -7.17 -4.69
C LEU A 125 25.20 -7.74 -5.17
N ASP A 126 25.65 -7.29 -6.35
CA ASP A 126 26.95 -7.66 -6.88
C ASP A 126 27.88 -6.45 -6.90
N GLU A 127 29.11 -6.68 -7.41
CA GLU A 127 30.14 -5.64 -7.33
C GLU A 127 29.74 -4.38 -8.08
N SER A 128 28.99 -4.50 -9.18
CA SER A 128 28.53 -3.32 -9.91
C SER A 128 27.47 -2.50 -9.18
N GLY A 129 27.09 -2.88 -7.94
CA GLY A 129 25.99 -2.24 -7.24
C GLY A 129 24.61 -2.70 -7.67
N ASN A 130 24.53 -3.64 -8.61
CA ASN A 130 23.26 -4.10 -9.15
C ASN A 130 22.72 -5.29 -8.38
N VAL A 131 21.41 -5.44 -8.37
CA VAL A 131 20.80 -6.57 -7.69
C VAL A 131 21.11 -7.85 -8.44
N VAL A 132 21.22 -8.94 -7.70
CA VAL A 132 21.28 -10.27 -8.31
C VAL A 132 19.84 -10.73 -8.56
N PRO A 133 19.41 -10.83 -9.80
CA PRO A 133 18.03 -11.24 -10.09
C PRO A 133 17.86 -12.74 -9.97
N SER A 134 16.60 -13.15 -10.04
CA SER A 134 16.27 -14.56 -10.13
C SER A 134 15.69 -14.89 -11.49
N ASP A 135 15.76 -16.18 -11.83
CA ASP A 135 15.20 -16.73 -13.06
C ASP A 135 13.72 -16.97 -12.86
N THR A 136 12.98 -15.87 -12.79
CA THR A 136 11.55 -15.86 -12.54
C THR A 136 10.94 -14.84 -13.48
N ASN A 137 9.64 -14.94 -13.65
CA ASN A 137 8.91 -13.96 -14.43
C ASN A 137 7.56 -13.78 -13.79
N ILE A 138 6.95 -12.62 -14.04
CA ILE A 138 5.78 -12.27 -13.26
C ILE A 138 4.59 -13.18 -13.58
N LEU A 139 4.56 -13.82 -14.75
CA LEU A 139 3.41 -14.68 -15.07
C LEU A 139 3.43 -15.98 -14.26
N ASP A 140 4.60 -16.62 -14.13
CA ASP A 140 4.67 -17.82 -13.30
C ASP A 140 4.48 -17.47 -11.84
N THR A 141 5.05 -16.36 -11.37
CA THR A 141 4.78 -15.94 -10.01
C THR A 141 3.29 -15.70 -9.81
N TRP A 142 2.62 -15.08 -10.80
CA TRP A 142 1.19 -14.85 -10.67
C TRP A 142 0.41 -16.15 -10.51
N ALA A 143 0.75 -17.18 -11.29
CA ALA A 143 0.08 -18.47 -11.15
C ALA A 143 0.21 -19.01 -9.72
N ALA A 144 1.38 -18.82 -9.11
CA ALA A 144 1.56 -19.26 -7.72
C ALA A 144 0.71 -18.43 -6.76
N MET A 145 0.57 -17.13 -7.02
CA MET A 145 -0.32 -16.31 -6.22
C MET A 145 -1.77 -16.78 -6.35
N GLU A 146 -2.19 -17.13 -7.57
CA GLU A 146 -3.55 -17.62 -7.79
C GLU A 146 -3.83 -18.86 -6.96
N GLU A 147 -2.83 -19.73 -6.82
CA GLU A 147 -3.01 -20.93 -6.03
C GLU A 147 -3.35 -20.60 -4.57
N LEU A 148 -2.81 -19.49 -4.05
CA LEU A 148 -3.11 -19.10 -2.67
C LEU A 148 -4.58 -18.77 -2.49
N VAL A 149 -5.20 -18.17 -3.50
CA VAL A 149 -6.63 -17.91 -3.46
C VAL A 149 -7.40 -19.23 -3.44
N ASP A 150 -7.00 -20.15 -4.31
CA ASP A 150 -7.69 -21.44 -4.39
C ASP A 150 -7.61 -22.21 -3.06
N GLU A 151 -6.48 -22.08 -2.36
CA GLU A 151 -6.28 -22.76 -1.09
C GLU A 151 -6.93 -22.04 0.09
N GLY A 152 -7.42 -20.81 -0.10
CA GLY A 152 -8.09 -20.10 0.97
C GLY A 152 -7.17 -19.36 1.91
N LEU A 153 -5.90 -19.21 1.56
CA LEU A 153 -4.98 -18.48 2.39
C LEU A 153 -5.18 -16.98 2.26
N VAL A 154 -5.67 -16.51 1.12
CA VAL A 154 -5.84 -15.09 0.86
C VAL A 154 -7.16 -14.91 0.12
N LYS A 155 -7.83 -13.79 0.40
CA LYS A 155 -9.11 -13.51 -0.24
C LYS A 155 -8.94 -12.82 -1.59
N ALA A 156 -7.82 -12.14 -1.79
CA ALA A 156 -7.56 -11.41 -3.02
C ALA A 156 -6.05 -11.35 -3.21
N ILE A 157 -5.63 -11.26 -4.47
CA ILE A 157 -4.24 -11.07 -4.82
C ILE A 157 -4.10 -9.83 -5.68
N GLY A 158 -2.93 -9.22 -5.61
CA GLY A 158 -2.68 -8.04 -6.39
C GLY A 158 -1.21 -7.82 -6.60
N ILE A 159 -0.89 -6.62 -7.07
CA ILE A 159 0.44 -6.27 -7.53
C ILE A 159 0.82 -4.91 -6.93
N SER A 160 2.11 -4.63 -6.97
CA SER A 160 2.62 -3.37 -6.45
C SER A 160 3.81 -2.93 -7.28
N ASN A 161 3.84 -1.63 -7.61
CA ASN A 161 4.92 -1.08 -8.41
C ASN A 161 4.92 -1.63 -9.82
N PHE A 162 3.77 -2.07 -10.33
CA PHE A 162 3.69 -2.55 -11.71
C PHE A 162 3.29 -1.41 -12.63
N ASN A 163 4.04 -1.25 -13.71
CA ASN A 163 3.70 -0.24 -14.72
C ASN A 163 2.62 -0.79 -15.65
N HIS A 164 2.20 0.06 -16.59
CA HIS A 164 1.12 -0.26 -17.52
C HIS A 164 1.37 -1.58 -18.25
N LEU A 165 2.57 -1.75 -18.81
CA LEU A 165 2.86 -2.96 -19.58
C LEU A 165 2.85 -4.19 -18.68
N GLN A 166 3.34 -4.05 -17.45
CA GLN A 166 3.36 -5.18 -16.54
C GLN A 166 1.96 -5.58 -16.10
N VAL A 167 1.08 -4.59 -15.85
CA VAL A 167 -0.33 -4.91 -15.59
C VAL A 167 -0.92 -5.64 -16.79
N GLU A 168 -0.65 -5.12 -17.99
CA GLU A 168 -1.19 -5.72 -19.21
C GLU A 168 -0.71 -7.15 -19.39
N MET A 169 0.54 -7.44 -19.02
N MET A 169 0.55 -7.42 -19.04
CA MET A 169 1.06 -8.79 -19.15
CA MET A 169 1.07 -8.78 -19.15
C MET A 169 0.28 -9.76 -18.26
C MET A 169 0.23 -9.75 -18.34
N ILE A 170 -0.07 -9.35 -17.05
N ILE A 170 -0.07 -9.40 -17.09
CA ILE A 170 -0.89 -10.19 -16.19
CA ILE A 170 -0.90 -10.27 -16.25
C ILE A 170 -2.28 -10.38 -16.80
C ILE A 170 -2.28 -10.41 -16.86
N LEU A 171 -2.90 -9.29 -17.24
CA LEU A 171 -4.26 -9.36 -17.76
C LEU A 171 -4.35 -10.21 -19.01
N ASN A 172 -3.28 -10.29 -19.79
CA ASN A 172 -3.24 -11.08 -21.01
C ASN A 172 -2.62 -12.45 -20.78
N LYS A 173 -2.37 -12.81 -19.53
CA LYS A 173 -1.67 -14.05 -19.24
C LYS A 173 -2.48 -15.22 -19.77
N PRO A 174 -1.88 -16.11 -20.55
CA PRO A 174 -2.59 -17.34 -20.93
C PRO A 174 -2.89 -18.15 -19.68
N GLY A 175 -4.13 -18.60 -19.57
CA GLY A 175 -4.54 -19.37 -18.42
C GLY A 175 -4.91 -18.56 -17.20
N LEU A 176 -4.99 -17.23 -17.33
CA LEU A 176 -5.32 -16.39 -16.18
C LEU A 176 -6.57 -16.91 -15.46
N LYS A 177 -6.47 -17.00 -14.15
CA LYS A 177 -7.60 -17.38 -13.31
C LYS A 177 -8.18 -16.21 -12.55
N TYR A 178 -7.34 -15.40 -11.89
CA TYR A 178 -7.82 -14.25 -11.12
C TYR A 178 -7.11 -13.00 -11.60
N LYS A 179 -7.88 -11.96 -11.90
CA LYS A 179 -7.30 -10.66 -12.20
C LYS A 179 -6.72 -10.06 -10.91
N PRO A 180 -5.71 -9.22 -11.02
CA PRO A 180 -5.28 -8.47 -9.84
C PRO A 180 -6.41 -7.62 -9.30
N ALA A 181 -6.57 -7.62 -7.97
CA ALA A 181 -7.60 -6.79 -7.37
C ALA A 181 -7.14 -5.36 -7.15
N VAL A 182 -5.83 -5.18 -6.92
CA VAL A 182 -5.25 -3.92 -6.53
C VAL A 182 -3.88 -3.81 -7.17
N ASN A 183 -3.52 -2.57 -7.54
CA ASN A 183 -2.13 -2.22 -7.84
C ASN A 183 -1.77 -1.11 -6.86
N GLN A 184 -0.79 -1.37 -6.00
CA GLN A 184 -0.33 -0.40 -5.00
C GLN A 184 0.90 0.31 -5.55
N ILE A 185 0.81 1.64 -5.75
CA ILE A 185 1.85 2.42 -6.39
C ILE A 185 2.10 3.71 -5.64
N GLU A 186 3.30 4.26 -5.83
CA GLU A 186 3.62 5.55 -5.24
C GLU A 186 2.73 6.60 -5.88
N CYS A 187 2.09 7.45 -5.08
CA CYS A 187 1.22 8.45 -5.68
C CYS A 187 1.00 9.59 -4.72
N HIS A 188 1.25 10.81 -5.21
CA HIS A 188 1.15 12.05 -4.42
C HIS A 188 1.22 13.19 -5.43
N PRO A 189 1.12 14.45 -5.00
CA PRO A 189 1.10 15.54 -5.98
C PRO A 189 2.33 15.67 -6.85
N TYR A 190 3.49 15.14 -6.44
CA TYR A 190 4.66 15.24 -7.31
C TYR A 190 4.80 14.05 -8.24
N LEU A 191 3.92 13.05 -8.11
CA LEU A 191 3.96 11.82 -8.90
C LEU A 191 2.50 11.35 -8.97
N THR A 192 1.73 11.98 -9.88
CA THR A 192 0.29 11.83 -9.82
C THR A 192 -0.23 10.57 -10.52
N GLN A 193 0.58 9.96 -11.39
CA GLN A 193 0.26 8.67 -11.98
C GLN A 193 -1.08 8.67 -12.74
N GLU A 194 -1.38 9.76 -13.44
CA GLU A 194 -2.72 9.87 -14.02
C GLU A 194 -2.99 8.76 -15.02
N LYS A 195 -2.01 8.46 -15.88
CA LYS A 195 -2.26 7.48 -16.94
C LYS A 195 -2.37 6.07 -16.36
N LEU A 196 -1.48 5.70 -15.44
CA LEU A 196 -1.53 4.37 -14.86
C LEU A 196 -2.80 4.16 -14.05
N ILE A 197 -3.22 5.18 -13.31
CA ILE A 197 -4.45 5.08 -12.53
C ILE A 197 -5.65 4.92 -13.46
N GLN A 198 -5.72 5.75 -14.49
CA GLN A 198 -6.87 5.66 -15.40
C GLN A 198 -6.93 4.28 -16.03
N TYR A 199 -5.77 3.73 -16.40
CA TYR A 199 -5.73 2.40 -17.00
C TYR A 199 -6.21 1.34 -16.03
N CYS A 200 -5.64 1.33 -14.82
CA CYS A 200 -6.04 0.32 -13.83
C CYS A 200 -7.54 0.43 -13.52
N GLN A 201 -8.03 1.64 -13.30
CA GLN A 201 -9.45 1.81 -12.97
C GLN A 201 -10.33 1.33 -14.12
N SER A 202 -9.91 1.56 -15.37
CA SER A 202 -10.70 1.13 -16.52
C SER A 202 -10.80 -0.39 -16.58
N LYS A 203 -9.83 -1.10 -15.99
CA LYS A 203 -9.79 -2.54 -15.98
C LYS A 203 -10.37 -3.12 -14.70
N GLY A 204 -10.89 -2.28 -13.81
CA GLY A 204 -11.46 -2.76 -12.57
C GLY A 204 -10.46 -3.08 -11.49
N ILE A 205 -9.23 -2.58 -11.61
CA ILE A 205 -8.17 -2.77 -10.63
C ILE A 205 -8.14 -1.53 -9.76
N VAL A 206 -8.34 -1.70 -8.46
CA VAL A 206 -8.29 -0.58 -7.53
C VAL A 206 -6.86 -0.19 -7.27
N VAL A 207 -6.60 1.12 -7.20
CA VAL A 207 -5.24 1.62 -6.95
C VAL A 207 -5.14 2.09 -5.52
N THR A 208 -4.08 1.65 -4.83
CA THR A 208 -3.69 2.18 -3.53
C THR A 208 -2.49 3.08 -3.69
N ALA A 209 -2.58 4.28 -3.12
CA ALA A 209 -1.51 5.26 -3.16
C ALA A 209 -0.62 5.10 -1.93
N TYR A 210 0.65 4.77 -2.15
CA TYR A 210 1.63 4.74 -1.08
C TYR A 210 2.48 6.00 -1.07
N SER A 211 3.15 6.23 0.06
CA SER A 211 3.91 7.45 0.33
C SER A 211 3.08 8.71 0.02
N PRO A 212 1.83 8.78 0.52
CA PRO A 212 0.98 9.92 0.14
C PRO A 212 1.45 11.23 0.74
N LEU A 213 2.25 11.18 1.80
CA LEU A 213 2.80 12.38 2.42
C LEU A 213 4.19 12.68 1.92
N GLY A 214 4.69 11.90 0.96
CA GLY A 214 6.03 12.05 0.47
C GLY A 214 7.09 11.34 1.27
N SER A 215 6.71 10.45 2.17
CA SER A 215 7.67 9.65 2.93
C SER A 215 8.79 10.50 3.53
N PRO A 216 8.46 11.47 4.38
CA PRO A 216 9.53 12.33 4.93
C PRO A 216 10.54 11.60 5.79
N ASP A 217 10.21 10.42 6.32
CA ASP A 217 11.15 9.62 7.10
C ASP A 217 11.95 8.62 6.24
N ARG A 218 11.85 8.70 4.92
CA ARG A 218 12.56 7.76 4.06
C ARG A 218 14.07 7.84 4.30
N PRO A 219 14.77 6.71 4.25
CA PRO A 219 16.23 6.77 4.32
C PRO A 219 16.76 7.59 3.16
N TRP A 220 17.86 8.30 3.43
CA TRP A 220 18.57 9.09 2.44
C TRP A 220 17.84 10.34 1.98
N ALA A 221 16.78 10.78 2.68
CA ALA A 221 16.23 12.10 2.41
C ALA A 221 17.32 13.16 2.58
N LYS A 222 17.31 14.15 1.70
CA LYS A 222 18.32 15.19 1.64
C LYS A 222 17.67 16.55 1.74
N PRO A 223 18.40 17.56 2.23
CA PRO A 223 17.78 18.88 2.41
C PRO A 223 17.36 19.55 1.11
N GLU A 224 17.96 19.18 -0.01
CA GLU A 224 17.59 19.74 -1.31
C GLU A 224 16.33 19.14 -1.87
N ASP A 225 15.86 18.02 -1.32
CA ASP A 225 14.70 17.34 -1.86
C ASP A 225 13.44 18.16 -1.63
N PRO A 226 12.45 18.03 -2.50
CA PRO A 226 11.18 18.69 -2.24
C PRO A 226 10.49 18.05 -1.05
N SER A 227 9.53 18.77 -0.49
CA SER A 227 8.83 18.31 0.69
C SER A 227 7.37 18.69 0.54
N LEU A 228 6.52 17.68 0.32
CA LEU A 228 5.09 17.95 0.18
C LEU A 228 4.52 18.61 1.43
N LEU A 229 4.92 18.14 2.62
CA LEU A 229 4.33 18.65 3.85
C LEU A 229 4.70 20.10 4.09
N GLU A 230 5.78 20.58 3.51
CA GLU A 230 6.23 21.96 3.67
C GLU A 230 6.03 22.79 2.42
N ASP A 231 5.37 22.25 1.40
CA ASP A 231 5.12 22.98 0.15
C ASP A 231 4.14 24.11 0.42
N PRO A 232 4.52 25.37 0.23
CA PRO A 232 3.61 26.46 0.60
C PRO A 232 2.33 26.50 -0.22
N ARG A 233 2.36 25.94 -1.42
CA ARG A 233 1.14 25.90 -2.22
C ARG A 233 0.13 24.95 -1.58
N ILE A 234 0.62 23.85 -1.04
CA ILE A 234 -0.25 22.89 -0.37
C ILE A 234 -0.66 23.40 1.00
N LYS A 235 0.25 24.08 1.72
CA LYS A 235 -0.13 24.73 2.97
C LYS A 235 -1.28 25.71 2.74
N ALA A 236 -1.26 26.43 1.62
CA ALA A 236 -2.33 27.38 1.32
C ALA A 236 -3.68 26.68 1.14
N ILE A 237 -3.68 25.52 0.47
CA ILE A 237 -4.93 24.77 0.33
C ILE A 237 -5.41 24.27 1.69
N ALA A 238 -4.48 23.77 2.52
CA ALA A 238 -4.85 23.32 3.85
C ALA A 238 -5.47 24.44 4.66
N ALA A 239 -4.86 25.63 4.62
CA ALA A 239 -5.35 26.74 5.42
C ALA A 239 -6.76 27.12 5.00
N LYS A 240 -7.03 27.09 3.70
CA LYS A 240 -8.36 27.41 3.19
C LYS A 240 -9.44 26.52 3.81
N HIS A 241 -9.10 25.27 4.13
CA HIS A 241 -10.06 24.30 4.65
C HIS A 241 -9.94 24.12 6.16
N ASN A 242 -9.08 24.87 6.82
N ASN A 242 -9.05 24.84 6.82
CA ASN A 242 -8.79 24.68 8.24
CA ASN A 242 -8.83 24.65 8.25
C ASN A 242 -8.43 23.22 8.54
C ASN A 242 -8.39 23.23 8.58
N LYS A 243 -7.57 22.64 7.71
CA LYS A 243 -7.03 21.30 7.89
C LYS A 243 -5.51 21.37 7.84
N THR A 244 -4.85 20.29 8.22
CA THR A 244 -3.40 20.25 8.09
C THR A 244 -3.01 19.83 6.68
N THR A 245 -1.76 20.11 6.34
N THR A 245 -1.74 20.09 6.33
CA THR A 245 -1.22 19.69 5.05
CA THR A 245 -1.27 19.69 5.02
C THR A 245 -1.33 18.18 4.89
C THR A 245 -1.28 18.18 4.85
N ALA A 246 -1.03 17.42 5.93
CA ALA A 246 -1.17 15.96 5.86
C ALA A 246 -2.60 15.56 5.52
N GLN A 247 -3.59 16.21 6.14
CA GLN A 247 -4.99 15.88 5.86
C GLN A 247 -5.34 16.17 4.41
N VAL A 248 -4.85 17.27 3.85
CA VAL A 248 -5.06 17.54 2.43
C VAL A 248 -4.45 16.43 1.58
N LEU A 249 -3.23 16.01 1.92
CA LEU A 249 -2.52 15.02 1.12
C LEU A 249 -3.19 13.64 1.21
N ILE A 250 -3.91 13.36 2.29
CA ILE A 250 -4.65 12.10 2.41
C ILE A 250 -5.99 12.19 1.69
N ARG A 251 -6.67 13.33 1.80
CA ARG A 251 -7.95 13.49 1.13
C ARG A 251 -7.82 13.49 -0.39
N PHE A 252 -6.72 14.02 -0.91
CA PHE A 252 -6.47 14.12 -2.35
C PHE A 252 -6.66 12.79 -3.07
N PRO A 253 -5.95 11.72 -2.70
CA PRO A 253 -6.18 10.44 -3.37
C PRO A 253 -7.58 9.89 -3.14
N MET A 254 -8.18 10.10 -1.97
CA MET A 254 -9.53 9.62 -1.73
C MET A 254 -10.51 10.14 -2.79
N GLN A 255 -10.36 11.42 -3.18
CA GLN A 255 -11.27 12.00 -4.17
C GLN A 255 -10.95 11.56 -5.60
N ARG A 256 -9.87 10.82 -5.81
CA ARG A 256 -9.56 10.18 -7.08
C ARG A 256 -10.02 8.72 -7.09
N ASN A 257 -10.82 8.30 -6.10
N ASN A 257 -10.82 8.30 -6.10
CA ASN A 257 -11.28 6.93 -5.96
CA ASN A 257 -11.27 6.92 -5.96
C ASN A 257 -10.13 5.96 -5.70
C ASN A 257 -10.10 5.97 -5.73
N LEU A 258 -9.10 6.43 -4.98
CA LEU A 258 -7.97 5.62 -4.58
C LEU A 258 -8.09 5.25 -3.09
N VAL A 259 -7.44 4.16 -2.73
CA VAL A 259 -7.16 3.81 -1.35
C VAL A 259 -5.86 4.52 -0.99
N VAL A 260 -5.68 4.88 0.27
CA VAL A 260 -4.48 5.61 0.69
C VAL A 260 -4.03 5.09 2.05
N ILE A 261 -2.71 4.97 2.23
CA ILE A 261 -2.14 4.26 3.39
C ILE A 261 -1.06 5.08 4.09
N PRO A 262 -1.39 6.24 4.64
CA PRO A 262 -0.38 7.02 5.38
C PRO A 262 0.17 6.25 6.58
N LYS A 263 1.49 6.38 6.79
CA LYS A 263 2.17 5.74 7.91
C LYS A 263 2.41 6.72 9.04
N SER A 264 2.12 6.26 10.27
CA SER A 264 2.57 6.98 11.45
C SER A 264 2.67 6.01 12.62
N VAL A 265 3.63 6.28 13.50
CA VAL A 265 3.69 5.66 14.83
C VAL A 265 3.31 6.62 15.93
N THR A 266 2.91 7.85 15.59
CA THR A 266 2.62 8.87 16.58
C THR A 266 1.13 8.91 16.84
N PRO A 267 0.66 8.60 18.06
CA PRO A 267 -0.80 8.54 18.27
C PRO A 267 -1.57 9.78 17.80
N GLU A 268 -1.07 10.99 18.05
CA GLU A 268 -1.80 12.17 17.62
C GLU A 268 -1.94 12.22 16.10
N ARG A 269 -0.90 11.82 15.38
CA ARG A 269 -0.94 11.87 13.92
C ARG A 269 -1.80 10.75 13.36
N ILE A 270 -1.76 9.56 13.96
CA ILE A 270 -2.66 8.49 13.54
C ILE A 270 -4.11 8.99 13.59
N ALA A 271 -4.46 9.66 14.67
CA ALA A 271 -5.81 10.21 14.83
C ALA A 271 -6.08 11.34 13.83
N GLU A 272 -5.14 12.28 13.70
CA GLU A 272 -5.29 13.39 12.76
C GLU A 272 -5.53 12.90 11.33
N ASN A 273 -4.77 11.88 10.94
CA ASN A 273 -4.85 11.35 9.57
C ASN A 273 -6.17 10.67 9.29
N PHE A 274 -6.92 10.30 10.33
CA PHE A 274 -8.23 9.69 10.16
C PHE A 274 -9.32 10.73 9.98
N LYS A 275 -9.05 11.97 10.37
CA LYS A 275 -10.04 13.04 10.33
C LYS A 275 -10.07 13.69 8.94
N VAL A 276 -10.43 12.87 7.96
CA VAL A 276 -10.42 13.28 6.56
C VAL A 276 -11.75 12.96 5.89
N PHE A 277 -12.78 12.73 6.68
CA PHE A 277 -14.11 12.43 6.15
C PHE A 277 -15.09 13.56 6.35
N ASP A 278 -14.64 14.71 6.87
CA ASP A 278 -15.51 15.82 7.20
C ASP A 278 -15.27 17.05 6.33
N PHE A 279 -14.56 16.91 5.22
CA PHE A 279 -14.32 18.04 4.33
C PHE A 279 -14.10 17.52 2.93
N GLU A 280 -14.18 18.44 1.97
CA GLU A 280 -14.02 18.11 0.56
C GLU A 280 -13.06 19.13 -0.04
N LEU A 281 -12.08 18.62 -0.79
CA LEU A 281 -11.29 19.48 -1.67
C LEU A 281 -12.14 19.88 -2.87
N SER A 282 -12.00 21.13 -3.30
CA SER A 282 -12.79 21.60 -4.44
C SER A 282 -12.24 21.03 -5.74
N SER A 283 -13.02 21.18 -6.81
N SER A 283 -13.03 21.17 -6.80
CA SER A 283 -12.52 20.78 -8.12
CA SER A 283 -12.54 20.81 -8.13
C SER A 283 -11.23 21.51 -8.46
C SER A 283 -11.22 21.50 -8.43
N GLN A 284 -11.14 22.80 -8.13
CA GLN A 284 -9.93 23.54 -8.45
C GLN A 284 -8.77 23.10 -7.56
N ASP A 285 -9.04 22.81 -6.27
CA ASP A 285 -8.00 22.24 -5.42
C ASP A 285 -7.42 20.98 -6.04
N MET A 286 -8.30 20.11 -6.57
CA MET A 286 -7.86 18.84 -7.14
C MET A 286 -7.03 19.07 -8.40
N THR A 287 -7.53 19.92 -9.30
CA THR A 287 -6.80 20.24 -10.52
C THR A 287 -5.45 20.88 -10.20
N THR A 288 -5.43 21.75 -9.19
CA THR A 288 -4.18 22.42 -8.81
C THR A 288 -3.18 21.41 -8.25
N LEU A 289 -3.63 20.52 -7.37
CA LEU A 289 -2.74 19.49 -6.84
C LEU A 289 -2.22 18.59 -7.97
N LEU A 290 -3.08 18.24 -8.92
CA LEU A 290 -2.62 17.41 -10.04
C LEU A 290 -1.61 18.15 -10.90
N SER A 291 -1.70 19.48 -10.94
CA SER A 291 -0.78 20.27 -11.76
C SER A 291 0.64 20.27 -11.20
N TYR A 292 0.83 19.80 -9.98
CA TYR A 292 2.14 19.83 -9.35
C TYR A 292 2.99 18.62 -9.72
N ASN A 293 2.48 17.73 -10.56
CA ASN A 293 3.22 16.55 -10.94
C ASN A 293 4.59 16.91 -11.49
N ARG A 294 5.63 16.21 -11.02
N ARG A 294 5.61 16.19 -11.03
CA ARG A 294 6.96 16.34 -11.59
CA ARG A 294 6.97 16.33 -11.56
C ARG A 294 7.62 14.98 -11.79
C ARG A 294 7.61 14.97 -11.80
N ASN A 295 6.85 13.89 -11.69
CA ASN A 295 7.38 12.53 -11.83
C ASN A 295 8.57 12.30 -10.89
N TRP A 296 8.44 12.76 -9.65
CA TRP A 296 9.47 12.65 -8.63
C TRP A 296 9.13 11.48 -7.70
N ARG A 297 10.02 10.49 -7.62
CA ARG A 297 9.76 9.24 -6.92
C ARG A 297 10.61 9.09 -5.65
N VAL A 298 9.93 8.83 -4.53
CA VAL A 298 10.57 8.31 -3.33
C VAL A 298 11.18 6.95 -3.57
N CYS A 299 10.47 6.10 -4.31
CA CYS A 299 10.86 4.70 -4.49
C CYS A 299 11.22 4.47 -5.96
N ALA A 300 12.50 4.65 -6.27
CA ALA A 300 13.01 4.39 -7.61
C ALA A 300 13.48 2.95 -7.73
#